data_5CCK
#
_entry.id   5CCK
#
_cell.length_a   48.075
_cell.length_b   49.522
_cell.length_c   159.025
_cell.angle_alpha   90.00
_cell.angle_beta   90.00
_cell.angle_gamma   90.00
#
_symmetry.space_group_name_H-M   'P 21 21 21'
#
loop_
_entity.id
_entity.type
_entity.pdbx_description
1 polymer 'Antibody 3BC315 Fab heavy chain'
2 polymer 'Antibody 3BC315 Fab light chain'
3 non-polymer '3-CYCLOHEXYL-1-PROPYLSULFONIC ACID'
4 water water
#
loop_
_entity_poly.entity_id
_entity_poly.type
_entity_poly.pdbx_seq_one_letter_code
_entity_poly.pdbx_strand_id
1 'polypeptide(L)'
;QVQLVQSGAEMKDPGASVKVSCRASGYKFTDYYMHWVRQAPGQGLEWVGWVNTNGGFTKYGAKFQGRVTVTRDTSTNTVF
LELSRLTFGDTAMYFCARPMRPVSHGIDYSGLFVFQFWGRGTMVTVSSASTKGPSVFPLAPSSKSTSGGTAALGCLVKDY
FPEPVTVSWNSGALTSGVHTFPAVLQSSGLYSLSSVVTVPSSSLGTQTYICNVNHKPSNTKVDKKVEPKSCD
;
H
2 'polypeptide(L)'
;QSALTQPASVSASPGQSITISCSGTRSDVGGYDFVSWYQQHPGKVPKLIIYEVTKRPSGIPQRFSGSKSGNTASLTISGL
QADDEADYYCCSYANYDKLILGGGTKLTVLGQPKANPTVTLFPPSSEELQANKATLVCLISDFYPGAVTVAWKADGSPVK
AGVETTKPSKQSNNKYAASSYLSLTPEQWKSHRSYSCQVTHEGSTVEKTVAPTECS
;
L
#
loop_
_chem_comp.id
_chem_comp.type
_chem_comp.name
_chem_comp.formula
CXS non-polymer '3-CYCLOHEXYL-1-PROPYLSULFONIC ACID' 'C9 H19 N O3 S'
#
# COMPACT_ATOMS: atom_id res chain seq x y z
N GLN A 1 -21.83 -22.09 3.76
CA GLN A 1 -22.61 -22.52 2.62
C GLN A 1 -22.65 -21.47 1.52
N VAL A 2 -22.58 -20.19 1.90
CA VAL A 2 -22.42 -19.13 0.90
C VAL A 2 -21.05 -19.31 0.26
N GLN A 3 -21.00 -19.28 -1.07
CA GLN A 3 -19.73 -19.34 -1.76
C GLN A 3 -19.71 -18.33 -2.91
N LEU A 4 -18.55 -17.76 -3.13
CA LEU A 4 -18.33 -16.83 -4.23
CA LEU A 4 -18.33 -16.83 -4.23
C LEU A 4 -17.12 -17.29 -5.03
N VAL A 5 -17.33 -17.67 -6.27
CA VAL A 5 -16.23 -18.24 -7.07
C VAL A 5 -15.86 -17.31 -8.23
N GLN A 6 -14.62 -16.86 -8.27
CA GLN A 6 -14.23 -15.87 -9.29
C GLN A 6 -13.41 -16.50 -10.40
N SER A 7 -13.44 -15.88 -11.59
CA SER A 7 -12.64 -16.34 -12.71
C SER A 7 -11.15 -16.07 -12.47
N GLY A 8 -10.31 -16.65 -13.31
CA GLY A 8 -8.86 -16.57 -13.13
C GLY A 8 -8.17 -15.26 -13.46
N ALA A 9 -6.95 -15.13 -12.96
CA ALA A 9 -6.10 -13.96 -13.21
C ALA A 9 -5.99 -13.59 -14.68
N GLU A 10 -5.84 -12.30 -14.94
CA GLU A 10 -5.75 -11.79 -16.30
C GLU A 10 -4.54 -10.89 -16.46
N MET A 11 -3.87 -10.99 -17.60
CA MET A 11 -2.78 -10.09 -17.96
C MET A 11 -3.19 -9.33 -19.20
N LYS A 12 -3.07 -8.01 -19.17
CA LYS A 12 -3.55 -7.19 -20.26
C LYS A 12 -2.60 -6.07 -20.66
N ASP A 13 -2.70 -5.66 -21.92
CA ASP A 13 -2.01 -4.45 -22.39
C ASP A 13 -2.73 -3.21 -21.91
N PRO A 14 -2.00 -2.11 -21.73
CA PRO A 14 -2.64 -0.81 -21.51
C PRO A 14 -3.63 -0.52 -22.65
N GLY A 15 -4.80 0.00 -22.32
CA GLY A 15 -5.80 0.31 -23.34
C GLY A 15 -6.79 -0.80 -23.59
N ALA A 16 -6.47 -2.01 -23.12
CA ALA A 16 -7.33 -3.16 -23.35
C ALA A 16 -8.52 -3.14 -22.39
N SER A 17 -9.38 -4.14 -22.50
CA SER A 17 -10.47 -4.25 -21.54
C SER A 17 -10.47 -5.67 -20.97
N VAL A 18 -11.16 -5.86 -19.85
CA VAL A 18 -11.19 -7.16 -19.18
C VAL A 18 -12.50 -7.29 -18.41
N LYS A 19 -13.03 -8.52 -18.35
CA LYS A 19 -14.28 -8.76 -17.64
C LYS A 19 -14.09 -9.90 -16.64
N VAL A 20 -14.20 -9.55 -15.36
CA VAL A 20 -14.02 -10.52 -14.27
C VAL A 20 -15.39 -11.03 -13.83
N SER A 21 -15.48 -12.32 -13.53
CA SER A 21 -16.75 -12.94 -13.19
CA SER A 21 -16.76 -12.92 -13.17
C SER A 21 -16.76 -13.42 -11.74
N CYS A 22 -17.93 -13.41 -11.13
CA CYS A 22 -18.08 -13.85 -9.75
C CYS A 22 -19.35 -14.69 -9.63
N ARG A 23 -19.20 -15.99 -9.37
CA ARG A 23 -20.36 -16.89 -9.28
C ARG A 23 -20.82 -17.08 -7.83
N ALA A 24 -22.09 -16.78 -7.57
CA ALA A 24 -22.63 -16.82 -6.20
C ALA A 24 -23.49 -18.06 -5.97
N SER A 25 -23.43 -18.63 -4.76
CA SER A 25 -24.25 -19.78 -4.39
C SER A 25 -24.50 -19.78 -2.88
N GLY A 26 -25.53 -20.49 -2.42
CA GLY A 26 -25.76 -20.62 -1.00
C GLY A 26 -26.64 -19.53 -0.42
N TYR A 27 -27.28 -18.77 -1.29
CA TYR A 27 -28.28 -17.79 -0.87
C TYR A 27 -29.16 -17.45 -2.06
N LYS A 28 -30.30 -16.81 -1.80
CA LYS A 28 -31.14 -16.33 -2.91
C LYS A 28 -30.49 -15.11 -3.55
N PHE A 29 -30.00 -15.31 -4.77
CA PHE A 29 -29.13 -14.36 -5.46
C PHE A 29 -29.68 -12.93 -5.50
N THR A 30 -30.94 -12.77 -5.92
CA THR A 30 -31.49 -11.43 -6.12
C THR A 30 -31.93 -10.75 -4.83
N ASP A 31 -31.80 -11.43 -3.69
CA ASP A 31 -32.10 -10.81 -2.41
C ASP A 31 -30.95 -9.90 -1.95
N TYR A 32 -29.79 -10.02 -2.59
CA TYR A 32 -28.59 -9.32 -2.13
C TYR A 32 -27.90 -8.53 -3.24
N TYR A 33 -27.40 -7.35 -2.90
CA TYR A 33 -26.46 -6.65 -3.75
C TYR A 33 -25.13 -7.42 -3.86
N MET A 34 -24.23 -6.92 -4.69
CA MET A 34 -22.85 -7.41 -4.73
C MET A 34 -21.89 -6.23 -4.83
N HIS A 35 -20.81 -6.26 -4.03
CA HIS A 35 -19.77 -5.24 -4.12
C HIS A 35 -18.59 -5.75 -4.91
N TRP A 36 -17.83 -4.80 -5.45
CA TRP A 36 -16.49 -5.06 -5.95
C TRP A 36 -15.52 -4.21 -5.12
N VAL A 37 -14.47 -4.85 -4.62
CA VAL A 37 -13.44 -4.20 -3.81
C VAL A 37 -12.09 -4.56 -4.43
N ARG A 38 -11.19 -3.59 -4.57
CA ARG A 38 -9.88 -3.91 -5.15
C ARG A 38 -8.74 -3.63 -4.20
N GLN A 39 -7.58 -4.19 -4.54
CA GLN A 39 -6.40 -3.99 -3.73
C GLN A 39 -5.18 -4.00 -4.63
N ALA A 40 -4.65 -2.82 -4.92
CA ALA A 40 -3.42 -2.73 -5.70
C ALA A 40 -2.28 -3.33 -4.86
N PRO A 41 -1.23 -3.85 -5.53
CA PRO A 41 -0.12 -4.51 -4.81
C PRO A 41 0.48 -3.62 -3.70
N GLY A 42 0.50 -4.15 -2.49
CA GLY A 42 1.05 -3.44 -1.36
C GLY A 42 0.19 -2.28 -0.88
N GLN A 43 -1.01 -2.15 -1.43
CA GLN A 43 -1.88 -1.04 -1.05
C GLN A 43 -3.09 -1.50 -0.25
N GLY A 44 -3.98 -0.56 0.05
CA GLY A 44 -5.13 -0.87 0.88
C GLY A 44 -6.33 -1.30 0.06
N LEU A 45 -7.38 -1.74 0.74
CA LEU A 45 -8.64 -2.08 0.09
C LEU A 45 -9.32 -0.82 -0.42
N GLU A 46 -9.92 -0.89 -1.60
CA GLU A 46 -10.65 0.25 -2.17
C GLU A 46 -12.00 -0.22 -2.68
N TRP A 47 -13.06 0.51 -2.32
CA TRP A 47 -14.38 0.14 -2.83
C TRP A 47 -14.55 0.62 -4.26
N VAL A 48 -14.90 -0.32 -5.14
CA VAL A 48 -15.06 0.01 -6.55
C VAL A 48 -16.51 0.35 -6.88
N GLY A 49 -17.45 -0.48 -6.43
CA GLY A 49 -18.86 -0.19 -6.70
C GLY A 49 -19.80 -1.26 -6.18
N TRP A 50 -21.10 -0.98 -6.24
CA TRP A 50 -22.10 -2.02 -5.96
C TRP A 50 -23.09 -2.17 -7.10
N VAL A 51 -23.72 -3.34 -7.15
CA VAL A 51 -24.82 -3.61 -8.06
C VAL A 51 -25.96 -4.24 -7.27
N ASN A 52 -27.18 -3.74 -7.48
CA ASN A 52 -28.37 -4.43 -6.97
C ASN A 52 -28.70 -5.55 -7.96
N THR A 53 -28.51 -6.80 -7.54
CA THR A 53 -28.72 -7.93 -8.44
C THR A 53 -30.19 -8.05 -8.85
N ASN A 54 -31.06 -7.56 -7.99
CA ASN A 54 -32.46 -7.45 -8.35
C ASN A 54 -32.70 -6.21 -9.22
N GLY A 55 -32.56 -6.36 -10.53
CA GLY A 55 -32.80 -5.24 -11.42
C GLY A 55 -31.56 -4.68 -12.09
N GLY A 56 -30.42 -4.72 -11.40
CA GLY A 56 -29.15 -4.35 -12.03
C GLY A 56 -28.62 -2.94 -11.76
N PHE A 57 -29.24 -2.21 -10.85
CA PHE A 57 -28.83 -0.82 -10.59
C PHE A 57 -27.42 -0.77 -9.99
N THR A 58 -26.61 0.19 -10.46
CA THR A 58 -25.21 0.28 -10.07
C THR A 58 -24.81 1.64 -9.51
N LYS A 59 -23.88 1.64 -8.56
CA LYS A 59 -23.19 2.87 -8.11
C LYS A 59 -21.70 2.57 -8.04
N TYR A 60 -20.87 3.56 -8.40
CA TYR A 60 -19.42 3.37 -8.41
C TYR A 60 -18.69 4.37 -7.53
N GLY A 61 -17.50 3.97 -7.10
CA GLY A 61 -16.62 4.86 -6.34
C GLY A 61 -16.12 6.01 -7.19
N ALA A 62 -15.62 7.03 -6.52
CA ALA A 62 -15.24 8.28 -7.17
C ALA A 62 -14.19 8.09 -8.26
N LYS A 63 -13.11 7.40 -7.93
CA LYS A 63 -12.00 7.25 -8.86
C LYS A 63 -12.25 6.15 -9.90
N PHE A 64 -13.41 5.51 -9.81
CA PHE A 64 -13.76 4.38 -10.67
C PHE A 64 -14.96 4.67 -11.54
N GLN A 65 -15.42 5.92 -11.55
CA GLN A 65 -16.50 6.30 -12.45
C GLN A 65 -16.07 6.19 -13.91
N GLY A 66 -16.91 5.57 -14.71
CA GLY A 66 -16.73 5.54 -16.15
C GLY A 66 -16.06 4.35 -16.78
N ARG A 67 -14.82 4.07 -16.37
CA ARG A 67 -14.09 2.96 -16.96
C ARG A 67 -14.47 1.62 -16.34
N VAL A 68 -15.35 1.64 -15.35
CA VAL A 68 -15.83 0.42 -14.71
C VAL A 68 -17.32 0.18 -14.99
N THR A 69 -17.67 -1.03 -15.43
CA THR A 69 -19.07 -1.39 -15.66
C THR A 69 -19.42 -2.70 -14.97
N VAL A 70 -20.39 -2.65 -14.05
CA VAL A 70 -20.78 -3.85 -13.30
C VAL A 70 -22.14 -4.33 -13.77
N THR A 71 -22.22 -5.61 -14.09
CA THR A 71 -23.46 -6.23 -14.49
C THR A 71 -23.69 -7.53 -13.77
N ARG A 72 -24.83 -8.16 -14.01
CA ARG A 72 -25.06 -9.51 -13.52
C ARG A 72 -25.98 -10.30 -14.44
N ASP A 73 -25.93 -11.61 -14.28
CA ASP A 73 -26.84 -12.52 -14.96
C ASP A 73 -27.61 -13.28 -13.91
N THR A 74 -28.89 -12.95 -13.71
CA THR A 74 -29.67 -13.59 -12.66
C THR A 74 -29.97 -15.05 -12.97
N SER A 75 -29.98 -15.43 -14.24
CA SER A 75 -30.22 -16.83 -14.60
C SER A 75 -29.05 -17.75 -14.21
N THR A 76 -27.85 -17.19 -14.11
CA THR A 76 -26.69 -17.99 -13.73
C THR A 76 -26.04 -17.58 -12.40
N ASN A 77 -26.65 -16.66 -11.68
CA ASN A 77 -26.13 -16.21 -10.38
C ASN A 77 -24.71 -15.65 -10.52
N THR A 78 -24.47 -14.89 -11.57
CA THR A 78 -23.11 -14.40 -11.83
C THR A 78 -23.08 -12.87 -11.87
N VAL A 79 -22.09 -12.29 -11.20
CA VAL A 79 -21.87 -10.84 -11.24
C VAL A 79 -20.61 -10.58 -12.03
N PHE A 80 -20.60 -9.53 -12.86
CA PHE A 80 -19.45 -9.22 -13.69
C PHE A 80 -18.88 -7.83 -13.38
N LEU A 81 -17.55 -7.74 -13.49
CA LEU A 81 -16.88 -6.45 -13.40
C LEU A 81 -16.07 -6.23 -14.67
N GLU A 82 -16.46 -5.24 -15.47
CA GLU A 82 -15.69 -4.92 -16.66
C GLU A 82 -14.89 -3.64 -16.46
N LEU A 83 -13.61 -3.71 -16.85
CA LEU A 83 -12.71 -2.56 -16.83
C LEU A 83 -12.29 -2.22 -18.24
N SER A 84 -12.55 -1.01 -18.69
CA SER A 84 -12.16 -0.63 -20.05
C SER A 84 -11.03 0.38 -20.01
N ARG A 85 -10.29 0.50 -21.12
CA ARG A 85 -9.19 1.45 -21.22
C ARG A 85 -8.24 1.29 -20.06
N LEU A 86 -7.73 0.06 -19.90
CA LEU A 86 -6.90 -0.28 -18.76
C LEU A 86 -5.65 0.59 -18.70
N THR A 87 -5.29 1.00 -17.50
CA THR A 87 -4.08 1.76 -17.23
C THR A 87 -3.24 0.98 -16.25
N PHE A 88 -1.99 1.39 -16.07
CA PHE A 88 -1.10 0.69 -15.14
C PHE A 88 -1.62 0.79 -13.71
N GLY A 89 -2.28 1.90 -13.41
CA GLY A 89 -2.92 2.10 -12.12
C GLY A 89 -4.05 1.13 -11.83
N ASP A 90 -4.54 0.41 -12.83
CA ASP A 90 -5.62 -0.56 -12.64
C ASP A 90 -5.13 -1.94 -12.20
N THR A 91 -3.81 -2.13 -12.18
CA THR A 91 -3.24 -3.38 -11.70
C THR A 91 -3.62 -3.59 -10.23
N ALA A 92 -4.34 -4.69 -9.95
CA ALA A 92 -4.92 -4.94 -8.63
C ALA A 92 -5.64 -6.29 -8.54
N MET A 93 -5.80 -6.79 -7.31
CA MET A 93 -6.70 -7.91 -7.03
C MET A 93 -8.13 -7.36 -6.97
N TYR A 94 -9.05 -7.94 -7.72
CA TYR A 94 -10.44 -7.50 -7.69
C TYR A 94 -11.27 -8.58 -7.01
N PHE A 95 -11.86 -8.22 -5.87
CA PHE A 95 -12.70 -9.10 -5.07
C PHE A 95 -14.18 -8.78 -5.27
N CYS A 96 -15.01 -9.80 -5.45
CA CYS A 96 -16.44 -9.57 -5.24
C CYS A 96 -16.75 -9.90 -3.80
N ALA A 97 -17.69 -9.16 -3.21
CA ALA A 97 -18.09 -9.38 -1.82
C ALA A 97 -19.58 -9.16 -1.67
N ARG A 98 -20.23 -10.07 -0.94
CA ARG A 98 -21.67 -9.93 -0.68
C ARG A 98 -21.91 -9.21 0.64
N PRO A 99 -22.84 -8.25 0.65
CA PRO A 99 -23.22 -7.62 1.92
C PRO A 99 -23.98 -8.60 2.81
N MET A 100 -24.38 -8.18 4.01
CA MET A 100 -24.87 -9.14 4.98
C MET A 100 -26.38 -9.34 5.00
N ARG A 101 -27.14 -8.38 4.48
CA ARG A 101 -28.61 -8.50 4.45
C ARG A 101 -29.21 -7.83 3.23
N PRO A 102 -30.40 -8.31 2.81
CA PRO A 102 -31.19 -7.59 1.80
C PRO A 102 -31.44 -6.14 2.21
N VAL A 103 -31.51 -5.28 1.21
CA VAL A 103 -31.86 -3.89 1.38
C VAL A 103 -33.38 -3.75 1.40
N SER A 104 -33.88 -2.83 2.22
CA SER A 104 -35.29 -2.45 2.25
C SER A 104 -35.46 -1.11 1.61
N HIS A 105 -35.90 -1.11 0.36
CA HIS A 105 -35.77 0.10 -0.42
C HIS A 105 -36.64 1.24 0.14
N GLY A 106 -36.00 2.41 0.30
CA GLY A 106 -36.64 3.54 0.94
C GLY A 106 -36.84 3.44 2.45
N ILE A 107 -36.33 2.38 3.05
CA ILE A 107 -36.51 2.16 4.49
C ILE A 107 -35.20 1.91 5.25
N ASP A 108 -34.44 0.91 4.81
CA ASP A 108 -33.25 0.49 5.55
C ASP A 108 -32.18 -0.08 4.62
N TYR A 109 -31.03 0.60 4.58
CA TYR A 109 -29.91 0.19 3.74
C TYR A 109 -28.74 -0.36 4.56
N SER A 110 -28.94 -0.53 5.87
CA SER A 110 -27.86 -0.95 6.75
C SER A 110 -27.21 -2.24 6.27
N GLY A 111 -28.04 -3.16 5.77
CA GLY A 111 -27.53 -4.44 5.27
C GLY A 111 -26.47 -4.33 4.18
N LEU A 112 -26.49 -3.22 3.45
CA LEU A 112 -25.62 -3.03 2.29
C LEU A 112 -24.18 -2.65 2.64
N PHE A 113 -23.99 -2.00 3.79
CA PHE A 113 -22.75 -1.28 4.02
C PHE A 113 -21.66 -2.07 4.74
N VAL A 114 -21.54 -3.35 4.39
CA VAL A 114 -20.50 -4.23 4.91
C VAL A 114 -20.13 -5.23 3.83
N PHE A 115 -18.92 -5.78 3.89
CA PHE A 115 -18.52 -6.84 2.99
C PHE A 115 -18.44 -8.14 3.80
N GLN A 116 -19.50 -8.96 3.75
CA GLN A 116 -19.57 -10.11 4.66
C GLN A 116 -18.90 -11.36 4.10
N PHE A 117 -19.26 -11.74 2.88
CA PHE A 117 -18.62 -12.89 2.20
C PHE A 117 -17.79 -12.42 1.02
N TRP A 118 -16.61 -13.00 0.87
CA TRP A 118 -15.68 -12.57 -0.16
C TRP A 118 -15.30 -13.68 -1.12
N GLY A 119 -15.18 -13.37 -2.40
CA GLY A 119 -14.53 -14.28 -3.34
C GLY A 119 -13.02 -14.25 -3.08
N ARG A 120 -12.28 -15.16 -3.70
CA ARG A 120 -10.85 -15.26 -3.47
C ARG A 120 -10.07 -14.15 -4.19
N GLY A 121 -10.76 -13.46 -5.09
CA GLY A 121 -10.12 -12.37 -5.82
C GLY A 121 -9.60 -12.78 -7.18
N THR A 122 -9.57 -11.82 -8.11
CA THR A 122 -9.08 -12.05 -9.46
C THR A 122 -7.99 -11.02 -9.74
N MET A 123 -6.78 -11.49 -10.00
CA MET A 123 -5.71 -10.53 -10.28
C MET A 123 -5.85 -10.01 -11.71
N VAL A 124 -5.82 -8.69 -11.85
CA VAL A 124 -5.69 -8.04 -13.15
C VAL A 124 -4.37 -7.30 -13.20
N THR A 125 -3.49 -7.71 -14.12
CA THR A 125 -2.19 -7.08 -14.25
C THR A 125 -2.05 -6.41 -15.61
N VAL A 126 -1.85 -5.10 -15.59
CA VAL A 126 -1.65 -4.33 -16.80
C VAL A 126 -0.15 -4.15 -17.00
N SER A 127 0.37 -4.78 -18.05
CA SER A 127 1.80 -4.97 -18.18
C SER A 127 2.39 -4.18 -19.35
N SER A 128 3.47 -3.48 -19.03
CA SER A 128 4.19 -2.66 -19.99
C SER A 128 4.61 -3.46 -21.23
N ALA A 129 4.28 -2.93 -22.40
CA ALA A 129 4.73 -3.54 -23.64
C ALA A 129 6.05 -2.93 -24.05
N SER A 130 7.10 -3.19 -23.26
CA SER A 130 8.39 -2.54 -23.48
C SER A 130 9.53 -3.22 -22.74
N THR A 131 10.75 -2.89 -23.16
CA THR A 131 11.94 -3.21 -22.40
C THR A 131 12.76 -1.93 -22.33
N LYS A 132 13.03 -1.47 -21.12
CA LYS A 132 13.84 -0.27 -20.92
C LYS A 132 14.89 -0.54 -19.88
N GLY A 133 16.12 -0.10 -20.15
CA GLY A 133 17.20 -0.23 -19.19
C GLY A 133 17.14 0.90 -18.19
N PRO A 134 17.70 0.68 -16.99
CA PRO A 134 17.59 1.73 -15.97
C PRO A 134 18.64 2.82 -16.09
N SER A 135 18.33 4.00 -15.55
CA SER A 135 19.33 4.99 -15.25
C SER A 135 19.80 4.73 -13.83
N VAL A 136 21.10 4.85 -13.59
CA VAL A 136 21.64 4.57 -12.27
C VAL A 136 22.21 5.85 -11.66
N PHE A 137 21.62 6.30 -10.56
CA PHE A 137 22.09 7.53 -9.92
C PHE A 137 22.62 7.29 -8.51
N PRO A 138 23.70 8.00 -8.15
CA PRO A 138 24.27 7.85 -6.81
C PRO A 138 23.37 8.49 -5.76
N LEU A 139 23.25 7.86 -4.60
CA LEU A 139 22.61 8.46 -3.44
C LEU A 139 23.72 8.87 -2.47
N ALA A 140 24.06 10.16 -2.53
CA ALA A 140 25.28 10.65 -1.90
C ALA A 140 25.17 10.74 -0.38
N PRO A 141 26.12 10.12 0.33
CA PRO A 141 26.15 10.21 1.80
C PRO A 141 26.56 11.60 2.28
N SER A 142 26.11 11.95 3.50
CA SER A 142 26.45 13.20 4.19
C SER A 142 26.04 14.46 3.46
N GLY A 148 24.89 9.05 15.17
CA GLY A 148 25.24 7.82 15.87
C GLY A 148 26.49 7.16 15.33
N GLY A 149 27.21 7.85 14.45
CA GLY A 149 28.44 7.33 13.89
C GLY A 149 28.25 6.50 12.63
N THR A 150 27.00 6.34 12.20
CA THR A 150 26.71 5.65 10.93
C THR A 150 26.18 6.61 9.88
N ALA A 151 26.37 6.25 8.62
CA ALA A 151 25.84 7.00 7.48
C ALA A 151 25.30 6.04 6.44
N ALA A 152 24.35 6.51 5.64
CA ALA A 152 23.81 5.71 4.57
C ALA A 152 24.21 6.30 3.23
N LEU A 153 24.45 5.42 2.28
CA LEU A 153 24.67 5.81 0.89
C LEU A 153 23.98 4.77 0.01
N GLY A 154 23.89 5.00 -1.29
CA GLY A 154 23.23 4.04 -2.13
C GLY A 154 23.20 4.37 -3.61
N CYS A 155 22.42 3.58 -4.33
CA CYS A 155 22.18 3.82 -5.75
C CYS A 155 20.69 3.71 -6.05
N LEU A 156 20.24 4.65 -6.87
CA LEU A 156 18.86 4.68 -7.35
C LEU A 156 18.83 4.11 -8.78
N VAL A 157 18.08 3.04 -8.97
CA VAL A 157 18.01 2.33 -10.24
C VAL A 157 16.63 2.62 -10.82
N LYS A 158 16.59 3.57 -11.76
CA LYS A 158 15.35 4.26 -12.08
C LYS A 158 14.80 3.91 -13.46
N ASP A 159 13.49 3.64 -13.52
CA ASP A 159 12.76 3.53 -14.78
C ASP A 159 13.22 2.39 -15.67
N TYR A 160 12.99 1.16 -15.23
CA TYR A 160 13.33 0.00 -16.06
C TYR A 160 12.15 -0.95 -16.20
N PHE A 161 12.24 -1.85 -17.17
CA PHE A 161 11.28 -2.94 -17.34
C PHE A 161 11.88 -4.02 -18.25
N PRO A 162 11.60 -5.30 -17.97
CA PRO A 162 10.90 -5.87 -16.82
C PRO A 162 11.86 -6.21 -15.69
N GLU A 163 11.39 -6.94 -14.68
CA GLU A 163 12.28 -7.41 -13.63
C GLU A 163 13.15 -8.57 -14.14
N PRO A 164 14.25 -8.90 -13.44
CA PRO A 164 14.78 -8.29 -12.22
C PRO A 164 16.00 -7.42 -12.49
N VAL A 165 16.39 -6.66 -11.46
CA VAL A 165 17.65 -5.96 -11.43
C VAL A 165 18.44 -6.50 -10.25
N THR A 166 19.67 -6.94 -10.47
CA THR A 166 20.54 -7.28 -9.35
C THR A 166 21.46 -6.12 -9.01
N VAL A 167 21.78 -5.98 -7.72
CA VAL A 167 22.75 -4.97 -7.28
C VAL A 167 23.73 -5.58 -6.29
N SER A 168 25.03 -5.42 -6.55
N SER A 168 25.02 -5.40 -6.55
CA SER A 168 26.02 -5.75 -5.55
CA SER A 168 26.04 -5.73 -5.57
C SER A 168 26.85 -4.51 -5.24
C SER A 168 26.84 -4.50 -5.23
N TRP A 169 27.64 -4.59 -4.18
CA TRP A 169 28.49 -3.48 -3.78
C TRP A 169 29.95 -3.92 -3.72
N ASN A 170 30.82 -3.10 -4.34
CA ASN A 170 32.25 -3.36 -4.39
C ASN A 170 32.55 -4.77 -4.93
N SER A 171 31.87 -5.13 -6.01
CA SER A 171 32.02 -6.43 -6.65
C SER A 171 31.70 -7.59 -5.70
N GLY A 172 30.79 -7.35 -4.75
CA GLY A 172 30.31 -8.38 -3.84
C GLY A 172 31.03 -8.42 -2.51
N ALA A 173 32.12 -7.68 -2.41
CA ALA A 173 32.96 -7.67 -1.21
C ALA A 173 32.21 -7.09 -0.02
N LEU A 174 31.33 -6.12 -0.29
CA LEU A 174 30.61 -5.44 0.78
C LEU A 174 29.24 -6.07 1.02
N THR A 175 29.00 -6.59 2.21
CA THR A 175 27.74 -7.26 2.51
C THR A 175 27.03 -6.71 3.74
N SER A 176 27.80 -6.39 4.76
CA SER A 176 27.20 -5.90 6.00
C SER A 176 26.58 -4.50 5.80
N GLY A 177 25.32 -4.34 6.20
CA GLY A 177 24.67 -3.04 6.07
C GLY A 177 24.03 -2.82 4.71
N VAL A 178 24.21 -3.76 3.80
CA VAL A 178 23.63 -3.65 2.47
C VAL A 178 22.14 -4.00 2.51
N HIS A 179 21.32 -3.16 1.90
CA HIS A 179 19.89 -3.48 1.78
C HIS A 179 19.36 -3.06 0.43
N THR A 180 18.80 -4.02 -0.30
CA THR A 180 18.24 -3.73 -1.61
C THR A 180 16.72 -3.87 -1.56
N PHE A 181 16.02 -2.80 -1.90
CA PHE A 181 14.58 -2.75 -1.75
C PHE A 181 13.84 -3.47 -2.87
N PRO A 182 12.59 -3.89 -2.60
CA PRO A 182 11.67 -4.26 -3.68
C PRO A 182 11.46 -3.09 -4.63
N ALA A 183 11.23 -3.38 -5.89
CA ALA A 183 10.98 -2.33 -6.87
C ALA A 183 9.62 -1.70 -6.63
N VAL A 184 9.46 -0.43 -6.98
CA VAL A 184 8.13 0.16 -6.93
C VAL A 184 7.57 0.21 -8.35
N LEU A 185 6.37 -0.31 -8.53
CA LEU A 185 5.68 -0.15 -9.80
C LEU A 185 5.23 1.30 -9.93
N GLN A 186 5.52 1.95 -11.05
CA GLN A 186 5.15 3.37 -11.19
C GLN A 186 4.01 3.55 -12.19
N SER A 187 3.44 4.75 -12.24
CA SER A 187 2.27 5.01 -13.07
C SER A 187 2.62 4.90 -14.55
N SER A 188 3.90 5.06 -14.87
CA SER A 188 4.39 4.94 -16.23
C SER A 188 4.44 3.50 -16.74
N GLY A 189 4.27 2.54 -15.85
CA GLY A 189 4.44 1.14 -16.20
C GLY A 189 5.87 0.63 -16.01
N LEU A 190 6.77 1.51 -15.58
CA LEU A 190 8.17 1.17 -15.34
C LEU A 190 8.44 0.96 -13.84
N TYR A 191 9.50 0.22 -13.50
CA TYR A 191 9.90 0.03 -12.11
C TYR A 191 11.02 0.98 -11.69
N SER A 192 11.15 1.27 -10.40
CA SER A 192 12.40 1.82 -9.87
C SER A 192 12.76 1.08 -8.59
N LEU A 193 14.05 0.96 -8.31
CA LEU A 193 14.46 0.44 -7.01
C LEU A 193 15.66 1.21 -6.52
N SER A 194 15.98 1.01 -5.25
CA SER A 194 17.19 1.56 -4.70
C SER A 194 17.85 0.48 -3.87
N SER A 195 19.17 0.57 -3.79
CA SER A 195 19.95 -0.29 -2.93
C SER A 195 20.78 0.64 -2.08
N VAL A 196 20.82 0.39 -0.78
CA VAL A 196 21.58 1.26 0.11
C VAL A 196 22.54 0.43 0.95
N VAL A 197 23.49 1.11 1.57
N VAL A 197 23.50 1.14 1.54
CA VAL A 197 24.32 0.46 2.57
CA VAL A 197 24.37 0.54 2.54
C VAL A 197 24.66 1.43 3.71
C VAL A 197 24.49 1.51 3.73
N THR A 198 24.45 0.94 4.93
CA THR A 198 24.74 1.70 6.14
C THR A 198 26.19 1.38 6.47
N VAL A 199 27.00 2.41 6.63
CA VAL A 199 28.44 2.29 6.84
C VAL A 199 28.90 3.19 7.98
N PRO A 200 30.11 2.94 8.53
CA PRO A 200 30.62 3.94 9.48
C PRO A 200 30.76 5.30 8.80
N SER A 201 30.29 6.36 9.46
CA SER A 201 30.51 7.72 8.95
C SER A 201 31.98 7.96 8.67
N SER A 202 32.85 7.40 9.53
CA SER A 202 34.28 7.62 9.44
C SER A 202 34.93 6.92 8.22
N SER A 203 34.16 6.11 7.51
N SER A 203 34.15 6.12 7.51
CA SER A 203 34.70 5.45 6.32
CA SER A 203 34.68 5.44 6.33
C SER A 203 34.42 6.26 5.07
C SER A 203 34.42 6.27 5.07
N LEU A 204 33.58 7.29 5.21
CA LEU A 204 33.28 8.17 4.08
C LEU A 204 34.50 9.01 3.71
N GLY A 205 34.87 8.97 2.43
CA GLY A 205 35.94 9.82 1.95
C GLY A 205 37.26 9.09 1.97
N THR A 206 37.28 7.89 2.53
CA THR A 206 38.48 7.10 2.45
C THR A 206 38.18 5.70 1.88
N GLN A 207 37.09 5.06 2.33
CA GLN A 207 36.65 3.82 1.68
C GLN A 207 35.96 4.19 0.37
N THR A 208 36.08 3.33 -0.63
CA THR A 208 35.42 3.55 -1.92
C THR A 208 34.15 2.70 -2.03
N TYR A 209 33.04 3.32 -2.43
CA TYR A 209 31.78 2.58 -2.59
C TYR A 209 31.28 2.60 -4.03
N ILE A 210 31.12 1.42 -4.61
CA ILE A 210 30.67 1.26 -5.98
C ILE A 210 29.53 0.27 -6.05
N CYS A 211 28.41 0.68 -6.64
CA CYS A 211 27.31 -0.28 -6.82
C CYS A 211 27.37 -0.91 -8.21
N ASN A 212 27.32 -2.23 -8.22
CA ASN A 212 27.32 -3.00 -9.47
C ASN A 212 25.91 -3.38 -9.88
N VAL A 213 25.40 -2.72 -10.90
CA VAL A 213 24.01 -2.92 -11.33
C VAL A 213 23.94 -3.74 -12.62
N ASN A 214 23.07 -4.74 -12.63
CA ASN A 214 22.88 -5.57 -13.83
C ASN A 214 21.40 -5.75 -14.10
N HIS A 215 20.98 -5.26 -15.25
CA HIS A 215 19.63 -5.48 -15.76
C HIS A 215 19.75 -6.27 -17.06
N LYS A 216 19.77 -7.58 -16.94
CA LYS A 216 20.03 -8.44 -18.10
C LYS A 216 19.05 -8.24 -19.27
N PRO A 217 17.74 -8.05 -19.01
CA PRO A 217 16.83 -7.85 -20.15
C PRO A 217 17.23 -6.74 -21.12
N SER A 218 17.86 -5.68 -20.62
CA SER A 218 18.32 -4.61 -21.50
C SER A 218 19.83 -4.65 -21.70
N ASN A 219 20.49 -5.67 -21.16
N ASN A 219 20.47 -5.64 -21.10
CA ASN A 219 21.96 -5.73 -21.18
CA ASN A 219 21.91 -5.80 -21.11
C ASN A 219 22.55 -4.43 -20.62
C ASN A 219 22.63 -4.58 -20.51
N THR A 220 21.99 -3.98 -19.50
CA THR A 220 22.53 -2.81 -18.83
C THR A 220 23.38 -3.28 -17.66
N LYS A 221 24.68 -3.02 -17.76
CA LYS A 221 25.59 -3.29 -16.66
C LYS A 221 26.27 -1.97 -16.31
N VAL A 222 26.11 -1.53 -15.07
CA VAL A 222 26.65 -0.24 -14.66
C VAL A 222 27.35 -0.40 -13.32
N ASP A 223 28.56 0.14 -13.24
CA ASP A 223 29.28 0.30 -11.99
C ASP A 223 29.30 1.78 -11.65
N LYS A 224 28.60 2.17 -10.59
CA LYS A 224 28.52 3.59 -10.25
C LYS A 224 29.26 3.88 -8.95
N LYS A 225 30.29 4.72 -9.01
CA LYS A 225 30.97 5.12 -7.79
C LYS A 225 30.10 6.15 -7.08
N VAL A 226 29.95 5.97 -5.78
CA VAL A 226 29.10 6.82 -4.96
C VAL A 226 29.98 7.60 -4.00
N GLU A 227 30.12 8.90 -4.27
CA GLU A 227 31.01 9.74 -3.48
C GLU A 227 30.22 10.67 -2.56
N PRO A 228 30.81 11.06 -1.41
CA PRO A 228 30.12 11.98 -0.50
C PRO A 228 29.84 13.33 -1.17
N LYS A 229 28.87 14.07 -0.66
CA LYS A 229 28.59 15.42 -1.14
C LYS A 229 29.79 16.34 -0.93
N ALA B 3 -8.93 7.79 2.53
CA ALA B 3 -10.17 8.48 2.86
C ALA B 3 -10.41 8.55 4.37
N LEU B 4 -10.12 7.45 5.06
CA LEU B 4 -10.13 7.41 6.53
C LEU B 4 -8.68 7.22 6.98
N THR B 5 -8.34 7.73 8.17
N THR B 5 -8.31 7.74 8.15
CA THR B 5 -6.95 7.68 8.60
CA THR B 5 -6.89 7.65 8.53
C THR B 5 -6.73 6.68 9.73
C THR B 5 -6.65 6.75 9.72
N GLN B 6 -5.79 5.76 9.52
CA GLN B 6 -5.43 4.77 10.53
C GLN B 6 -3.93 4.85 10.79
N PRO B 7 -3.50 4.43 11.98
CA PRO B 7 -2.05 4.33 12.20
C PRO B 7 -1.43 3.27 11.31
N ALA B 8 -0.15 3.41 10.98
CA ALA B 8 0.51 2.43 10.12
C ALA B 8 0.59 1.09 10.83
N SER B 9 0.80 1.11 12.14
CA SER B 9 0.91 -0.13 12.87
C SER B 9 0.65 0.04 14.35
N VAL B 10 0.28 -1.07 14.98
CA VAL B 10 0.09 -1.15 16.42
C VAL B 10 0.66 -2.49 16.86
N SER B 11 1.04 -2.60 18.12
CA SER B 11 1.61 -3.86 18.57
C SER B 11 1.54 -3.99 20.09
N ALA B 12 1.64 -5.22 20.56
CA ALA B 12 1.66 -5.51 22.00
C ALA B 12 2.04 -6.95 22.19
N SER B 13 2.18 -7.37 23.45
CA SER B 13 2.54 -8.75 23.79
C SER B 13 1.32 -9.67 23.75
N PRO B 14 1.55 -10.98 23.58
CA PRO B 14 0.48 -11.96 23.80
C PRO B 14 -0.22 -11.70 25.12
N GLY B 15 -1.54 -11.77 25.15
CA GLY B 15 -2.29 -11.57 26.38
C GLY B 15 -2.70 -10.13 26.60
N GLN B 16 -2.04 -9.20 25.92
CA GLN B 16 -2.37 -7.80 26.12
C GLN B 16 -3.45 -7.34 25.15
N SER B 17 -3.66 -6.02 25.09
CA SER B 17 -4.67 -5.47 24.23
C SER B 17 -4.11 -4.34 23.38
N ILE B 18 -4.72 -4.11 22.23
CA ILE B 18 -4.36 -2.98 21.37
C ILE B 18 -5.63 -2.26 20.92
N THR B 19 -5.47 -1.03 20.45
CA THR B 19 -6.59 -0.30 19.90
C THR B 19 -6.15 0.41 18.62
N ILE B 20 -6.97 0.28 17.57
CA ILE B 20 -6.70 0.90 16.28
C ILE B 20 -7.71 2.01 15.99
N SER B 21 -7.22 3.22 15.75
CA SER B 21 -8.10 4.34 15.51
C SER B 21 -8.38 4.50 14.03
N CYS B 22 -9.49 5.14 13.73
CA CYS B 22 -9.97 5.31 12.36
C CYS B 22 -10.67 6.65 12.30
N SER B 23 -9.98 7.67 11.82
CA SER B 23 -10.50 9.03 11.88
C SER B 23 -11.10 9.45 10.55
N GLY B 24 -12.29 10.03 10.63
CA GLY B 24 -12.95 10.50 9.43
C GLY B 24 -13.55 11.87 9.65
N THR B 25 -14.71 12.08 9.05
CA THR B 25 -15.38 13.36 9.15
C THR B 25 -16.85 13.19 9.44
N ARG B 26 -17.52 14.33 9.53
CA ARG B 26 -18.96 14.36 9.71
C ARG B 26 -19.76 13.69 8.62
N SER B 27 -19.13 13.53 7.46
CA SER B 27 -19.80 12.98 6.28
C SER B 27 -19.80 11.46 6.30
N ASP B 28 -19.05 10.88 7.23
CA ASP B 28 -18.86 9.44 7.24
C ASP B 28 -18.87 8.91 8.66
N VAL B 29 -17.69 8.70 9.24
CA VAL B 29 -17.62 8.13 10.59
C VAL B 29 -18.43 8.93 11.61
N GLY B 30 -18.30 10.25 11.54
CA GLY B 30 -19.00 11.12 12.47
C GLY B 30 -20.48 11.30 12.18
N GLY B 31 -20.91 10.89 10.99
CA GLY B 31 -22.30 11.13 10.59
C GLY B 31 -23.21 9.92 10.63
N TYR B 32 -22.63 8.73 10.65
CA TYR B 32 -23.43 7.50 10.64
C TYR B 32 -22.84 6.46 11.58
N ASP B 33 -23.66 5.47 11.93
CA ASP B 33 -23.18 4.31 12.68
C ASP B 33 -22.99 3.14 11.72
N PHE B 34 -22.23 3.38 10.65
CA PHE B 34 -22.02 2.40 9.59
C PHE B 34 -20.53 2.15 9.41
N VAL B 35 -19.82 2.00 10.53
CA VAL B 35 -18.40 1.69 10.52
C VAL B 35 -18.19 0.17 10.62
N SER B 36 -17.41 -0.40 9.69
CA SER B 36 -17.04 -1.80 9.76
C SER B 36 -15.52 -1.94 9.79
N TRP B 37 -15.04 -3.09 10.29
CA TRP B 37 -13.62 -3.40 10.30
C TRP B 37 -13.36 -4.77 9.65
N TYR B 38 -12.23 -4.89 8.96
CA TYR B 38 -11.85 -6.12 8.24
C TYR B 38 -10.46 -6.55 8.68
N GLN B 39 -10.31 -7.85 8.89
CA GLN B 39 -9.02 -8.48 9.20
C GLN B 39 -8.48 -9.18 7.94
N GLN B 40 -7.25 -8.87 7.54
CA GLN B 40 -6.68 -9.55 6.40
C GLN B 40 -5.36 -10.21 6.80
N HIS B 41 -5.40 -11.53 6.91
CA HIS B 41 -4.20 -12.30 7.15
C HIS B 41 -3.40 -12.35 5.86
N PRO B 42 -2.06 -12.34 5.99
CA PRO B 42 -1.16 -12.27 4.85
C PRO B 42 -1.55 -13.24 3.76
N GLY B 43 -1.85 -12.69 2.59
CA GLY B 43 -2.20 -13.49 1.43
C GLY B 43 -3.54 -14.21 1.51
N LYS B 44 -4.39 -13.79 2.46
CA LYS B 44 -5.71 -14.39 2.59
C LYS B 44 -6.83 -13.39 2.27
N VAL B 45 -8.05 -13.88 2.22
CA VAL B 45 -9.17 -13.02 1.87
C VAL B 45 -9.56 -12.21 3.10
N PRO B 46 -9.93 -10.92 2.90
CA PRO B 46 -10.37 -10.16 4.07
C PRO B 46 -11.56 -10.80 4.75
N LYS B 47 -11.67 -10.54 6.05
CA LYS B 47 -12.70 -11.12 6.90
C LYS B 47 -13.40 -10.00 7.67
N LEU B 48 -14.72 -9.96 7.61
CA LEU B 48 -15.46 -8.98 8.39
C LEU B 48 -15.32 -9.29 9.87
N ILE B 49 -14.96 -8.31 10.69
CA ILE B 49 -14.90 -8.61 12.13
C ILE B 49 -15.81 -7.69 12.95
N ILE B 50 -16.10 -6.50 12.45
CA ILE B 50 -16.96 -5.55 13.16
C ILE B 50 -17.86 -4.84 12.17
N TYR B 51 -19.11 -4.60 12.52
CA TYR B 51 -19.93 -3.72 11.69
C TYR B 51 -20.87 -2.89 12.54
N GLU B 52 -21.43 -1.83 11.96
CA GLU B 52 -22.32 -0.90 12.67
C GLU B 52 -21.68 -0.45 13.99
N VAL B 53 -20.39 -0.12 13.86
CA VAL B 53 -19.52 0.39 14.92
C VAL B 53 -19.18 -0.65 15.99
N THR B 54 -20.17 -1.36 16.49
CA THR B 54 -20.02 -2.21 17.68
C THR B 54 -20.41 -3.68 17.52
N LYS B 55 -21.09 -4.01 16.42
CA LYS B 55 -21.62 -5.35 16.27
C LYS B 55 -20.54 -6.27 15.67
N ARG B 56 -20.73 -7.56 15.85
CA ARG B 56 -19.83 -8.57 15.28
C ARG B 56 -20.65 -9.58 14.50
N PRO B 57 -20.13 -10.02 13.34
CA PRO B 57 -20.79 -11.14 12.67
C PRO B 57 -20.54 -12.43 13.46
N SER B 58 -21.28 -13.48 13.14
CA SER B 58 -21.21 -14.69 13.93
C SER B 58 -19.83 -15.33 13.78
N GLY B 59 -19.32 -15.88 14.88
CA GLY B 59 -18.03 -16.53 14.89
C GLY B 59 -16.87 -15.65 15.33
N ILE B 60 -17.07 -14.34 15.40
CA ILE B 60 -16.02 -13.44 15.87
C ILE B 60 -16.08 -13.32 17.39
N PRO B 61 -14.97 -13.66 18.08
CA PRO B 61 -14.99 -13.70 19.55
C PRO B 61 -15.20 -12.34 20.20
N GLN B 62 -15.66 -12.37 21.46
CA GLN B 62 -16.00 -11.15 22.20
C GLN B 62 -14.83 -10.24 22.48
N ARG B 63 -13.61 -10.76 22.38
CA ARG B 63 -12.41 -9.97 22.66
C ARG B 63 -12.09 -8.97 21.53
N PHE B 64 -12.83 -9.06 20.42
CA PHE B 64 -12.82 -8.02 19.40
C PHE B 64 -13.98 -7.07 19.70
N SER B 65 -13.67 -5.78 19.89
CA SER B 65 -14.74 -4.80 20.14
C SER B 65 -14.54 -3.51 19.36
N GLY B 66 -15.62 -2.79 19.15
CA GLY B 66 -15.55 -1.53 18.43
C GLY B 66 -16.29 -0.42 19.16
N SER B 67 -15.87 0.82 18.91
CA SER B 67 -16.48 1.97 19.54
C SER B 67 -16.27 3.17 18.64
N LYS B 68 -16.90 4.29 19.00
CA LYS B 68 -16.60 5.52 18.30
C LYS B 68 -16.84 6.71 19.22
N SER B 69 -16.08 7.77 19.01
CA SER B 69 -16.28 9.03 19.70
C SER B 69 -16.07 10.12 18.67
N GLY B 70 -17.09 10.93 18.42
CA GLY B 70 -17.02 11.96 17.40
C GLY B 70 -16.73 11.39 16.03
N ASN B 71 -15.67 11.88 15.40
CA ASN B 71 -15.28 11.47 14.06
C ASN B 71 -14.26 10.34 14.01
N THR B 72 -14.03 9.69 15.16
CA THR B 72 -13.03 8.61 15.21
C THR B 72 -13.61 7.30 15.72
N ALA B 73 -13.47 6.26 14.91
CA ALA B 73 -13.88 4.92 15.31
C ALA B 73 -12.65 4.16 15.79
N SER B 74 -12.86 3.21 16.69
CA SER B 74 -11.74 2.42 17.19
C SER B 74 -12.08 0.92 17.23
N LEU B 75 -11.06 0.12 16.94
CA LEU B 75 -11.13 -1.32 17.10
C LEU B 75 -10.19 -1.71 18.23
N THR B 76 -10.70 -2.49 19.16
CA THR B 76 -9.91 -2.93 20.29
C THR B 76 -9.90 -4.45 20.30
N ILE B 77 -8.70 -5.02 20.38
CA ILE B 77 -8.54 -6.46 20.47
C ILE B 77 -7.80 -6.78 21.76
N SER B 78 -8.43 -7.55 22.62
CA SER B 78 -7.80 -7.94 23.88
C SER B 78 -7.44 -9.42 23.84
N GLY B 79 -6.76 -9.90 24.88
CA GLY B 79 -6.29 -11.28 24.90
C GLY B 79 -5.56 -11.64 23.62
N LEU B 80 -4.64 -10.78 23.20
CA LEU B 80 -3.92 -10.94 21.94
C LEU B 80 -3.29 -12.31 21.77
N GLN B 81 -3.49 -12.90 20.60
CA GLN B 81 -2.87 -14.16 20.21
C GLN B 81 -2.04 -13.97 18.96
N ALA B 82 -1.10 -14.88 18.72
CA ALA B 82 -0.23 -14.81 17.56
C ALA B 82 -1.01 -14.74 16.25
N ASP B 83 -2.14 -15.43 16.21
CA ASP B 83 -2.99 -15.46 15.02
C ASP B 83 -3.68 -14.14 14.71
N ASP B 84 -3.66 -13.19 15.65
CA ASP B 84 -4.25 -11.87 15.44
C ASP B 84 -3.38 -10.98 14.54
N GLU B 85 -2.14 -11.41 14.36
CA GLU B 85 -1.21 -10.72 13.47
C GLU B 85 -1.79 -10.66 12.07
N ALA B 86 -2.03 -9.45 11.58
CA ALA B 86 -2.76 -9.25 10.33
C ALA B 86 -2.83 -7.77 10.02
N ASP B 87 -3.29 -7.43 8.81
CA ASP B 87 -3.63 -6.03 8.48
C ASP B 87 -5.12 -5.80 8.76
N TYR B 88 -5.44 -4.62 9.31
CA TYR B 88 -6.80 -4.30 9.69
C TYR B 88 -7.22 -3.03 8.96
N TYR B 89 -8.41 -3.05 8.39
CA TYR B 89 -8.99 -1.91 7.66
C TYR B 89 -10.31 -1.51 8.25
N CYS B 90 -10.53 -0.21 8.43
CA CYS B 90 -11.85 0.30 8.75
C CYS B 90 -12.55 0.79 7.49
N CYS B 91 -13.87 0.87 7.57
CA CYS B 91 -14.68 1.23 6.43
C CYS B 91 -15.88 2.00 6.96
N SER B 92 -16.36 2.97 6.19
CA SER B 92 -17.58 3.66 6.59
C SER B 92 -18.42 4.00 5.38
N TYR B 93 -19.74 4.01 5.58
CA TYR B 93 -20.60 4.72 4.64
C TYR B 93 -20.19 6.19 4.65
N ALA B 94 -20.31 6.85 3.49
CA ALA B 94 -20.03 8.28 3.36
C ALA B 94 -21.01 8.93 2.40
N ASN B 95 -21.34 10.20 2.65
CA ASN B 95 -22.12 10.99 1.69
C ASN B 95 -21.38 11.05 0.36
N TYR B 96 -22.01 10.66 -0.75
CA TYR B 96 -23.32 10.06 -0.81
C TYR B 96 -23.23 8.77 -1.60
N ASP B 97 -23.87 7.72 -1.09
CA ASP B 97 -23.91 6.43 -1.77
C ASP B 97 -22.49 5.93 -2.07
N LYS B 98 -21.63 6.00 -1.07
CA LYS B 98 -20.32 5.43 -1.23
C LYS B 98 -19.83 4.79 0.06
N LEU B 99 -18.84 3.94 -0.11
CA LEU B 99 -18.13 3.31 0.99
C LEU B 99 -16.71 3.75 0.89
N ILE B 100 -16.12 4.16 2.00
CA ILE B 100 -14.73 4.60 1.99
C ILE B 100 -13.96 3.81 3.03
N LEU B 101 -12.67 3.63 2.79
CA LEU B 101 -11.87 2.79 3.68
C LEU B 101 -10.62 3.49 4.21
N GLY B 102 -10.13 2.99 5.34
CA GLY B 102 -8.87 3.49 5.86
C GLY B 102 -7.72 2.88 5.10
N GLY B 103 -6.52 3.43 5.32
CA GLY B 103 -5.36 2.97 4.57
C GLY B 103 -4.76 1.68 5.11
N GLY B 104 -5.30 1.19 6.24
CA GLY B 104 -4.82 -0.06 6.82
C GLY B 104 -3.83 0.04 7.97
N THR B 105 -3.89 -0.90 8.90
CA THR B 105 -3.00 -0.95 10.06
C THR B 105 -2.42 -2.34 10.22
N LYS B 106 -1.10 -2.44 10.30
CA LYS B 106 -0.48 -3.73 10.58
C LYS B 106 -0.45 -3.98 12.09
N LEU B 107 -1.04 -5.08 12.51
CA LEU B 107 -0.97 -5.50 13.91
C LEU B 107 0.14 -6.55 14.06
N THR B 108 1.13 -6.21 14.87
CA THR B 108 2.24 -7.12 15.14
C THR B 108 2.15 -7.64 16.55
N VAL B 109 2.24 -8.95 16.74
CA VAL B 109 2.36 -9.50 18.09
C VAL B 109 3.84 -9.59 18.33
N LEU B 110 4.36 -8.69 19.16
CA LEU B 110 5.80 -8.48 19.30
C LEU B 110 6.61 -9.75 19.50
N GLY B 111 7.63 -9.95 18.66
CA GLY B 111 8.61 -10.99 18.88
C GLY B 111 9.77 -10.43 19.69
N GLN B 112 10.07 -9.15 19.49
CA GLN B 112 11.21 -8.50 20.11
C GLN B 112 10.82 -7.11 20.58
N PRO B 113 11.62 -6.48 21.45
CA PRO B 113 11.31 -5.10 21.83
C PRO B 113 11.31 -4.19 20.61
N LYS B 114 10.58 -3.09 20.68
CA LYS B 114 10.49 -2.16 19.57
C LYS B 114 11.84 -1.50 19.31
N ALA B 115 12.06 -1.10 18.06
CA ALA B 115 13.24 -0.36 17.70
C ALA B 115 12.82 0.84 16.84
N ASN B 116 13.32 2.01 17.23
CA ASN B 116 13.10 3.31 16.59
C ASN B 116 13.79 3.38 15.23
N PRO B 117 13.16 4.00 14.22
CA PRO B 117 13.84 4.10 12.92
C PRO B 117 14.97 5.13 12.86
N THR B 118 15.93 4.86 11.99
CA THR B 118 16.91 5.86 11.61
C THR B 118 16.54 6.29 10.18
N VAL B 119 16.48 7.60 9.94
CA VAL B 119 16.06 8.10 8.63
C VAL B 119 17.17 8.87 7.93
N THR B 120 17.37 8.58 6.65
CA THR B 120 18.29 9.37 5.82
C THR B 120 17.53 9.89 4.60
N LEU B 121 17.67 11.18 4.31
CA LEU B 121 17.02 11.75 3.13
C LEU B 121 18.06 12.17 2.10
N PHE B 122 18.03 11.54 0.93
CA PHE B 122 19.01 11.84 -0.10
C PHE B 122 18.50 12.90 -1.08
N PRO B 123 19.35 13.87 -1.41
CA PRO B 123 19.04 14.87 -2.43
C PRO B 123 19.07 14.27 -3.84
N PRO B 124 18.54 14.99 -4.83
CA PRO B 124 18.74 14.54 -6.21
C PRO B 124 20.23 14.60 -6.55
N SER B 125 20.71 13.67 -7.35
CA SER B 125 22.09 13.70 -7.81
C SER B 125 22.24 14.72 -8.92
N SER B 126 23.45 15.25 -9.11
CA SER B 126 23.69 16.18 -10.21
C SER B 126 23.47 15.49 -11.55
N GLU B 127 23.75 14.19 -11.59
CA GLU B 127 23.53 13.40 -12.79
C GLU B 127 22.04 13.37 -13.16
N GLU B 128 21.17 13.18 -12.17
CA GLU B 128 19.76 13.20 -12.46
C GLU B 128 19.30 14.59 -12.85
N LEU B 129 19.80 15.58 -12.12
CA LEU B 129 19.40 16.96 -12.36
C LEU B 129 19.78 17.40 -13.77
N GLN B 130 20.92 16.94 -14.25
CA GLN B 130 21.36 17.37 -15.58
C GLN B 130 20.58 16.64 -16.66
N ALA B 131 19.82 15.63 -16.26
CA ALA B 131 18.87 14.97 -17.15
C ALA B 131 17.48 15.58 -17.00
N ASN B 132 17.40 16.75 -16.36
CA ASN B 132 16.16 17.51 -16.18
C ASN B 132 15.14 16.81 -15.31
N LYS B 133 15.61 15.99 -14.37
CA LYS B 133 14.71 15.29 -13.46
C LYS B 133 15.26 15.34 -12.04
N ALA B 134 14.46 14.91 -11.07
CA ALA B 134 14.90 14.97 -9.69
C ALA B 134 14.09 13.99 -8.88
N THR B 135 14.78 13.23 -8.03
CA THR B 135 14.12 12.30 -7.14
C THR B 135 14.71 12.45 -5.76
N LEU B 136 13.87 12.71 -4.75
CA LEU B 136 14.30 12.67 -3.36
C LEU B 136 14.07 11.26 -2.86
N VAL B 137 15.05 10.69 -2.16
CA VAL B 137 14.89 9.32 -1.64
C VAL B 137 14.99 9.32 -0.13
N CYS B 138 13.91 8.91 0.51
CA CYS B 138 13.85 8.86 1.95
C CYS B 138 14.08 7.41 2.38
N LEU B 139 15.18 7.17 3.08
CA LEU B 139 15.50 5.82 3.56
C LEU B 139 15.12 5.66 5.03
N ILE B 140 14.41 4.58 5.36
CA ILE B 140 14.05 4.35 6.75
C ILE B 140 14.61 3.00 7.18
N SER B 141 15.49 3.00 8.19
CA SER B 141 16.27 1.82 8.50
C SER B 141 16.13 1.38 9.94
N ASP B 142 16.38 0.09 10.16
CA ASP B 142 16.57 -0.49 11.49
C ASP B 142 15.42 -0.32 12.46
N PHE B 143 14.19 -0.60 12.03
CA PHE B 143 13.05 -0.40 12.91
C PHE B 143 12.21 -1.66 13.12
N TYR B 144 11.36 -1.62 14.15
CA TYR B 144 10.49 -2.74 14.49
C TYR B 144 9.44 -2.27 15.48
N PRO B 145 8.15 -2.63 15.28
CA PRO B 145 7.47 -3.42 14.24
C PRO B 145 7.65 -2.86 12.83
N GLY B 146 7.41 -3.70 11.83
CA GLY B 146 7.69 -3.33 10.45
C GLY B 146 6.59 -2.57 9.73
N ALA B 147 6.31 -1.34 10.15
CA ALA B 147 5.42 -0.47 9.41
C ALA B 147 5.61 1.01 9.77
N VAL B 148 5.57 1.87 8.75
CA VAL B 148 5.66 3.32 8.99
C VAL B 148 4.71 4.12 8.10
N THR B 149 4.43 5.34 8.51
CA THR B 149 3.77 6.29 7.63
C THR B 149 4.81 7.29 7.20
N VAL B 150 4.86 7.56 5.90
CA VAL B 150 5.78 8.52 5.32
C VAL B 150 4.98 9.67 4.76
N ALA B 151 5.27 10.88 5.20
CA ALA B 151 4.60 12.07 4.68
C ALA B 151 5.65 13.04 4.14
N TRP B 152 5.47 13.44 2.90
CA TRP B 152 6.38 14.40 2.27
C TRP B 152 5.86 15.82 2.40
N LYS B 153 6.80 16.74 2.61
CA LYS B 153 6.44 18.16 2.74
C LYS B 153 7.35 19.05 1.89
N ALA B 154 6.77 20.12 1.36
CA ALA B 154 7.56 21.13 0.66
C ALA B 154 7.46 22.43 1.43
N ASP B 155 8.58 22.90 1.96
CA ASP B 155 8.60 24.09 2.79
C ASP B 155 7.49 24.08 3.84
N GLY B 156 7.25 22.91 4.44
CA GLY B 156 6.31 22.79 5.53
C GLY B 156 4.92 22.34 5.15
N SER B 157 4.62 22.34 3.85
CA SER B 157 3.28 21.99 3.38
C SER B 157 3.26 20.65 2.64
N PRO B 158 2.17 19.88 2.79
CA PRO B 158 2.04 18.53 2.24
C PRO B 158 2.14 18.40 0.71
N VAL B 159 2.86 17.36 0.29
CA VAL B 159 2.97 16.97 -1.10
C VAL B 159 2.45 15.56 -1.27
N LYS B 160 1.42 15.39 -2.11
CA LYS B 160 0.87 14.05 -2.33
C LYS B 160 1.21 13.49 -3.71
N ALA B 161 1.42 14.37 -4.68
CA ALA B 161 1.75 13.94 -6.04
C ALA B 161 3.20 13.47 -6.14
N GLY B 162 3.43 12.47 -6.97
CA GLY B 162 4.78 12.03 -7.28
C GLY B 162 5.47 11.23 -6.19
N VAL B 163 4.67 10.60 -5.32
CA VAL B 163 5.21 9.77 -4.24
C VAL B 163 5.01 8.28 -4.51
N GLU B 164 6.07 7.49 -4.34
CA GLU B 164 5.96 6.04 -4.30
C GLU B 164 6.69 5.55 -3.05
N THR B 165 6.13 4.55 -2.39
CA THR B 165 6.68 4.04 -1.12
C THR B 165 6.68 2.50 -1.12
N THR B 166 7.77 1.89 -0.68
CA THR B 166 7.83 0.44 -0.63
C THR B 166 7.11 -0.08 0.62
N LYS B 167 6.56 -1.28 0.48
CA LYS B 167 6.12 -2.04 1.64
C LYS B 167 7.36 -2.33 2.47
N PRO B 168 7.24 -2.33 3.81
CA PRO B 168 8.47 -2.54 4.59
C PRO B 168 9.13 -3.87 4.26
N SER B 169 10.45 -3.89 4.24
CA SER B 169 11.17 -5.10 3.90
C SER B 169 12.05 -5.44 5.09
N LYS B 170 12.54 -6.68 5.13
CA LYS B 170 13.34 -7.14 6.26
C LYS B 170 14.84 -7.08 5.93
N GLN B 171 15.60 -6.42 6.81
CA GLN B 171 17.05 -6.29 6.64
C GLN B 171 17.77 -7.59 6.99
N SER B 172 19.02 -7.71 6.54
CA SER B 172 19.87 -8.86 6.91
C SER B 172 19.94 -9.06 8.42
N ASN B 173 19.89 -7.96 9.17
CA ASN B 173 20.00 -8.07 10.62
C ASN B 173 18.65 -8.26 11.31
N ASN B 174 17.63 -8.51 10.49
CA ASN B 174 16.27 -8.87 10.93
C ASN B 174 15.43 -7.73 11.49
N LYS B 175 15.97 -6.51 11.46
CA LYS B 175 15.14 -5.33 11.68
C LYS B 175 14.52 -4.97 10.34
N TYR B 176 13.65 -3.96 10.30
CA TYR B 176 12.96 -3.60 9.07
C TYR B 176 13.46 -2.30 8.44
N ALA B 177 13.25 -2.18 7.13
CA ALA B 177 13.55 -0.96 6.40
C ALA B 177 12.38 -0.61 5.46
N ALA B 178 12.31 0.65 5.06
CA ALA B 178 11.36 1.08 4.03
C ALA B 178 12.00 2.22 3.25
N SER B 179 11.46 2.51 2.08
CA SER B 179 11.97 3.60 1.26
C SER B 179 10.79 4.38 0.69
N SER B 180 10.99 5.67 0.45
CA SER B 180 9.97 6.45 -0.24
C SER B 180 10.65 7.37 -1.24
N TYR B 181 9.98 7.61 -2.37
CA TYR B 181 10.55 8.38 -3.46
C TYR B 181 9.63 9.53 -3.84
N LEU B 182 10.18 10.74 -3.84
CA LEU B 182 9.40 11.90 -4.26
C LEU B 182 9.94 12.45 -5.57
N SER B 183 9.11 12.47 -6.60
CA SER B 183 9.52 12.99 -7.89
C SER B 183 9.26 14.49 -7.95
N LEU B 184 10.30 15.24 -8.29
CA LEU B 184 10.24 16.70 -8.41
C LEU B 184 10.83 17.13 -9.75
N THR B 185 10.58 18.37 -10.15
CA THR B 185 11.36 18.95 -11.25
C THR B 185 12.62 19.54 -10.64
N PRO B 186 13.68 19.72 -11.46
CA PRO B 186 14.83 20.45 -10.93
C PRO B 186 14.46 21.84 -10.43
N GLU B 187 13.48 22.48 -11.08
CA GLU B 187 13.08 23.83 -10.64
C GLU B 187 12.50 23.83 -9.23
N GLN B 188 11.67 22.84 -8.90
CA GLN B 188 11.10 22.75 -7.56
C GLN B 188 12.22 22.58 -6.54
N TRP B 189 13.15 21.69 -6.86
CA TRP B 189 14.28 21.41 -5.99
C TRP B 189 15.12 22.67 -5.70
N LYS B 190 15.35 23.48 -6.72
CA LYS B 190 16.18 24.64 -6.54
C LYS B 190 15.44 25.83 -5.93
N SER B 191 14.11 25.81 -6.00
CA SER B 191 13.28 26.98 -5.68
C SER B 191 12.76 27.01 -4.25
N HIS B 192 12.49 25.84 -3.69
CA HIS B 192 12.01 25.80 -2.31
C HIS B 192 13.18 26.00 -1.37
N ARG B 193 12.88 26.54 -0.21
CA ARG B 193 13.88 26.64 0.85
C ARG B 193 14.31 25.24 1.29
N SER B 194 13.36 24.31 1.33
CA SER B 194 13.64 22.94 1.73
C SER B 194 12.50 21.96 1.42
N TYR B 195 12.85 20.68 1.36
CA TYR B 195 11.90 19.58 1.31
C TYR B 195 12.16 18.67 2.48
N SER B 196 11.12 18.02 3.00
CA SER B 196 11.33 17.09 4.10
C SER B 196 10.53 15.81 3.97
N CYS B 197 11.07 14.76 4.59
CA CYS B 197 10.43 13.47 4.67
C CYS B 197 10.10 13.23 6.14
N GLN B 198 8.82 13.08 6.46
CA GLN B 198 8.41 12.89 7.85
C GLN B 198 7.93 11.46 8.04
N VAL B 199 8.59 10.75 8.96
CA VAL B 199 8.36 9.33 9.16
C VAL B 199 7.73 9.09 10.52
N THR B 200 6.54 8.49 10.53
CA THR B 200 5.87 8.15 11.78
C THR B 200 5.94 6.66 12.05
N HIS B 201 6.58 6.28 13.16
CA HIS B 201 6.68 4.90 13.59
C HIS B 201 6.02 4.77 14.98
N GLU B 202 5.77 3.53 15.40
CA GLU B 202 5.01 3.26 16.62
C GLU B 202 5.45 3.99 17.86
N GLY B 203 6.75 4.14 18.03
CA GLY B 203 7.28 4.76 19.22
C GLY B 203 7.97 6.10 19.00
N SER B 204 8.24 6.48 17.74
CA SER B 204 8.87 7.78 17.46
C SER B 204 8.50 8.38 16.10
N THR B 205 8.71 9.69 15.97
CA THR B 205 8.55 10.37 14.70
C THR B 205 9.87 11.05 14.34
N VAL B 206 10.24 11.00 13.07
CA VAL B 206 11.48 11.62 12.59
C VAL B 206 11.17 12.43 11.36
N GLU B 207 11.61 13.68 11.31
CA GLU B 207 11.50 14.43 10.07
C GLU B 207 12.90 14.87 9.63
N LYS B 208 13.27 14.47 8.43
CA LYS B 208 14.57 14.82 7.85
C LYS B 208 14.37 15.86 6.76
N THR B 209 15.32 16.78 6.66
CA THR B 209 15.23 17.90 5.74
C THR B 209 16.50 17.98 4.91
N VAL B 210 16.35 18.35 3.65
CA VAL B 210 17.50 18.46 2.76
C VAL B 210 17.25 19.65 1.85
N ALA B 211 18.32 20.29 1.39
CA ALA B 211 18.19 21.47 0.56
C ALA B 211 19.40 21.60 -0.37
N PRO B 212 19.25 22.34 -1.46
CA PRO B 212 20.39 22.45 -2.38
C PRO B 212 21.55 23.26 -1.79
S CXS C . -29.17 2.28 -4.85
O1 CXS C . -27.83 2.58 -5.28
O2 CXS C . -29.49 0.75 -5.27
O3 CXS C . -30.10 3.15 -5.53
C1 CXS C . -29.34 2.52 -3.22
C2 CXS C . -29.17 3.99 -2.84
C3 CXS C . -29.38 4.18 -1.34
N CXS C . -29.24 5.55 -0.88
C4 CXS C . -29.31 5.81 0.54
C5 CXS C . -28.09 5.22 1.26
C6 CXS C . -28.22 5.42 2.76
C7 CXS C . -28.42 6.89 3.14
C8 CXS C . -29.56 7.51 2.34
C9 CXS C . -29.34 7.30 0.84
#